data_7QGO
#
_entry.id   7QGO
#
_cell.length_a   55.037
_cell.length_b   96.833
_cell.length_c   232.685
_cell.angle_alpha   90.000
_cell.angle_beta   90.000
_cell.angle_gamma   90.000
#
_symmetry.space_group_name_H-M   'C 2 2 21'
#
loop_
_entity.id
_entity.type
_entity.pdbx_description
1 polymer "5'-nucleotidase"
2 non-polymer 'ZINC ION'
3 non-polymer '[[(2~{R},3~{S},4~{R},5~{R})-5-[(4~{E})-4-[(4-methoxycarbonylphenyl)methoxyimino]-3-methyl-2-oxidanylidene-pyrimidin-1-yl]-3,4-bis(oxidanyl)oxolan-2-yl]methoxy-oxidanyl-phosphoryl]methylphosphonic acid'
4 water water
#
_entity_poly.entity_id   1
_entity_poly.type   'polypeptide(L)'
_entity_poly.pdbx_seq_one_letter_code
;WELTILHTNDVHSRLEQTSEDSSKCVDASRCMGGVARLFTKVQQIRRAEPNVLLLDAGDQYQGTIWFTVYKGAEVAHFMN
ALRYDAMALGNHEFDNGVEGLIEPLLKEAKFPILSANIKAKGPLASQISGLYLPYKVLPVGDEVVGIVGYTSKETPFLSN
PGTNLVFEDEITALQPEVDKLKTLNVNKIIALGHSGFEMDKLIAQKVRGVDVVVGGHSNTFLYTGNPPSKEVPAGKYPFI
VTSDDGRKVPVVQAYAFGKYLGYLKIEFDERGNVISSHGNPILLDSSIPEDPSIKADINKWRIKLDDYSTQELGKTIVYL
DGSSQSCRFRECNMGNLICDAMINNNLRHTDEMFWNHVSMCILNGGGIRSPIDERNDGTITWENLAAVLPFGGTFDLVQL
KGSTLKKAFEHSVHRYGQSTGEFLQVGGIHVVYDLSRKPGDRVVKLDVLCTKCRVPSYDPLKMDEVYKVILPNFLANGGD
GFQMIKDELLRHDSGDQDINVVSTYISKMKVIYPAVEGRIKFSGGGGAGGGGGTKHHHHHH
;
_entity_poly.pdbx_strand_id   A
#
# COMPACT_ATOMS: atom_id res chain seq x y z
N TRP A 1 -26.66 -22.63 -7.43
CA TRP A 1 -26.88 -21.20 -7.42
C TRP A 1 -25.54 -20.54 -7.62
N GLU A 2 -25.43 -19.72 -8.66
CA GLU A 2 -24.19 -19.04 -9.00
C GLU A 2 -24.20 -17.60 -8.44
N LEU A 3 -23.04 -17.16 -7.91
CA LEU A 3 -22.79 -15.80 -7.45
C LEU A 3 -21.50 -15.28 -8.10
N THR A 4 -21.55 -14.06 -8.67
CA THR A 4 -20.36 -13.43 -9.21
C THR A 4 -19.86 -12.38 -8.22
N ILE A 5 -18.65 -12.60 -7.71
CA ILE A 5 -17.95 -11.68 -6.82
C ILE A 5 -16.98 -10.84 -7.63
N LEU A 6 -17.22 -9.55 -7.63
CA LEU A 6 -16.32 -8.56 -8.22
C LEU A 6 -15.62 -7.93 -7.02
N HIS A 7 -14.30 -7.65 -7.18
CA HIS A 7 -13.55 -7.15 -6.06
C HIS A 7 -12.33 -6.31 -6.39
N THR A 8 -12.11 -5.31 -5.55
CA THR A 8 -10.96 -4.38 -5.66
C THR A 8 -10.32 -4.31 -4.29
N ASN A 9 -9.00 -4.04 -4.24
CA ASN A 9 -8.24 -3.87 -2.99
C ASN A 9 -7.06 -2.94 -3.28
N ASP A 10 -6.65 -2.19 -2.26
CA ASP A 10 -5.51 -1.28 -2.37
C ASP A 10 -5.58 -0.34 -3.57
N VAL A 11 -6.76 0.25 -3.84
CA VAL A 11 -6.93 1.21 -4.93
C VAL A 11 -5.99 2.42 -4.71
N HIS A 12 -5.83 2.83 -3.44
CA HIS A 12 -4.92 3.89 -3.06
C HIS A 12 -5.12 5.20 -3.83
N SER A 13 -6.32 5.76 -3.69
CA SER A 13 -6.69 7.04 -4.24
C SER A 13 -6.37 7.21 -5.71
N ARG A 14 -6.39 6.10 -6.46
CA ARG A 14 -6.20 6.19 -7.91
C ARG A 14 -7.55 6.32 -8.60
N LEU A 15 -8.26 7.40 -8.32
CA LEU A 15 -9.58 7.66 -8.89
C LEU A 15 -9.54 7.90 -10.38
N GLU A 16 -8.45 8.50 -10.86
CA GLU A 16 -8.26 8.73 -12.27
C GLU A 16 -7.54 7.54 -12.91
N GLN A 17 -7.60 7.43 -14.24
CA GLN A 17 -6.85 6.40 -14.95
C GLN A 17 -5.37 6.75 -14.83
N THR A 18 -4.53 5.73 -14.76
CA THR A 18 -3.11 5.89 -14.54
C THR A 18 -2.33 5.22 -15.66
N SER A 19 -1.01 5.49 -15.73
CA SER A 19 -0.08 4.84 -16.62
C SER A 19 -0.03 3.34 -16.21
N GLU A 20 0.67 2.51 -16.98
CA GLU A 20 0.81 1.09 -16.68
C GLU A 20 1.36 0.84 -15.24
N ASP A 21 2.32 1.67 -14.76
CA ASP A 21 2.92 1.56 -13.42
C ASP A 21 2.14 2.26 -12.31
N SER A 22 0.93 2.74 -12.64
CA SER A 22 -0.05 3.38 -11.77
C SER A 22 0.32 4.83 -11.37
N SER A 23 1.31 5.42 -12.02
CA SER A 23 1.69 6.81 -11.84
C SER A 23 0.77 7.69 -12.75
N LYS A 24 0.86 9.04 -12.64
CA LYS A 24 0.04 9.96 -13.43
C LYS A 24 -0.08 9.60 -14.92
N CYS A 25 -1.30 9.52 -15.43
CA CYS A 25 -1.55 9.17 -16.82
C CYS A 25 -1.09 10.31 -17.70
N VAL A 26 -0.24 9.99 -18.69
CA VAL A 26 0.22 10.99 -19.62
C VAL A 26 -0.36 10.68 -21.01
N ASP A 27 -0.18 9.44 -21.45
CA ASP A 27 -0.69 9.00 -22.75
C ASP A 27 -2.04 8.35 -22.50
N ALA A 28 -3.12 9.15 -22.58
CA ALA A 28 -4.49 8.73 -22.29
C ALA A 28 -4.93 7.51 -23.09
N SER A 29 -4.36 7.32 -24.30
CA SER A 29 -4.68 6.21 -25.19
C SER A 29 -4.22 4.85 -24.68
N ARG A 30 -3.25 4.82 -23.74
CA ARG A 30 -2.73 3.59 -23.15
C ARG A 30 -2.91 3.54 -21.62
N CYS A 31 -3.82 4.35 -21.08
CA CYS A 31 -4.01 4.40 -19.64
C CYS A 31 -5.04 3.40 -19.15
N MET A 32 -4.83 2.90 -17.92
CA MET A 32 -5.66 1.88 -17.28
C MET A 32 -6.31 2.32 -15.96
N GLY A 33 -7.26 1.52 -15.47
CA GLY A 33 -7.94 1.77 -14.20
C GLY A 33 -8.77 3.02 -14.12
N GLY A 34 -8.94 3.48 -12.89
CA GLY A 34 -9.76 4.64 -12.61
C GLY A 34 -11.18 4.20 -12.35
N VAL A 35 -11.91 4.93 -11.48
CA VAL A 35 -13.28 4.59 -11.14
C VAL A 35 -14.25 4.67 -12.33
N ALA A 36 -13.97 5.53 -13.33
CA ALA A 36 -14.86 5.65 -14.48
C ALA A 36 -14.79 4.44 -15.36
N ARG A 37 -13.58 3.94 -15.60
CA ARG A 37 -13.43 2.74 -16.43
C ARG A 37 -13.91 1.51 -15.65
N LEU A 38 -13.76 1.50 -14.30
CA LEU A 38 -14.23 0.41 -13.47
C LEU A 38 -15.75 0.35 -13.55
N PHE A 39 -16.43 1.51 -13.52
CA PHE A 39 -17.89 1.58 -13.62
C PHE A 39 -18.40 0.84 -14.85
N THR A 40 -17.75 1.08 -16.00
CA THR A 40 -18.12 0.46 -17.25
C THR A 40 -18.07 -1.07 -17.18
N LYS A 41 -16.98 -1.64 -16.64
CA LYS A 41 -16.87 -3.09 -16.53
C LYS A 41 -17.87 -3.68 -15.54
N VAL A 42 -18.15 -2.97 -14.44
CA VAL A 42 -19.09 -3.44 -13.44
C VAL A 42 -20.51 -3.44 -14.02
N GLN A 43 -20.90 -2.37 -14.72
CA GLN A 43 -22.19 -2.26 -15.39
CA GLN A 43 -22.23 -2.33 -15.36
C GLN A 43 -22.37 -3.42 -16.39
N GLN A 44 -21.36 -3.66 -17.24
CA GLN A 44 -21.38 -4.73 -18.25
C GLN A 44 -21.65 -6.07 -17.61
N ILE A 45 -21.02 -6.34 -16.45
CA ILE A 45 -21.21 -7.57 -15.73
C ILE A 45 -22.58 -7.63 -15.09
N ARG A 46 -23.01 -6.56 -14.41
CA ARG A 46 -24.32 -6.51 -13.80
C ARG A 46 -25.46 -6.68 -14.82
N ARG A 47 -25.27 -6.23 -16.06
CA ARG A 47 -26.26 -6.37 -17.12
C ARG A 47 -26.43 -7.85 -17.48
N ALA A 48 -25.30 -8.58 -17.56
CA ALA A 48 -25.27 -9.97 -17.97
C ALA A 48 -25.45 -10.99 -16.84
N GLU A 49 -25.29 -10.61 -15.58
CA GLU A 49 -25.35 -11.55 -14.43
C GLU A 49 -26.27 -11.02 -13.35
N PRO A 50 -27.23 -11.84 -12.90
CA PRO A 50 -28.17 -11.37 -11.90
C PRO A 50 -27.65 -11.38 -10.49
N ASN A 51 -26.71 -12.28 -10.16
CA ASN A 51 -26.22 -12.35 -8.78
C ASN A 51 -24.79 -11.84 -8.71
N VAL A 52 -24.63 -10.52 -8.54
CA VAL A 52 -23.32 -9.83 -8.50
C VAL A 52 -23.13 -9.17 -7.14
N LEU A 53 -21.92 -9.29 -6.58
CA LEU A 53 -21.52 -8.60 -5.36
C LEU A 53 -20.23 -7.84 -5.71
N LEU A 54 -20.21 -6.51 -5.55
CA LEU A 54 -19.02 -5.69 -5.81
C LEU A 54 -18.43 -5.37 -4.44
N LEU A 55 -17.19 -5.80 -4.15
CA LEU A 55 -16.62 -5.68 -2.80
C LEU A 55 -15.23 -5.05 -2.79
N ASP A 56 -14.88 -4.27 -1.75
CA ASP A 56 -13.54 -3.70 -1.67
C ASP A 56 -12.86 -4.23 -0.41
N ALA A 57 -11.63 -4.75 -0.53
CA ALA A 57 -10.94 -5.32 0.63
C ALA A 57 -9.98 -4.32 1.33
N GLY A 58 -10.26 -3.03 1.19
CA GLY A 58 -9.56 -1.97 1.92
C GLY A 58 -8.47 -1.20 1.21
N ASP A 59 -8.02 -0.14 1.88
CA ASP A 59 -6.95 0.74 1.42
C ASP A 59 -7.34 1.54 0.20
N GLN A 60 -8.53 2.09 0.22
CA GLN A 60 -8.97 3.04 -0.79
C GLN A 60 -8.30 4.41 -0.47
N TYR A 61 -8.07 4.69 0.85
CA TYR A 61 -7.44 5.86 1.43
C TYR A 61 -5.95 5.87 1.09
N GLN A 62 -5.36 7.07 0.98
CA GLN A 62 -3.93 7.31 0.77
C GLN A 62 -3.39 6.88 -0.58
N GLY A 63 -2.59 7.74 -1.23
CA GLY A 63 -1.94 7.41 -2.48
C GLY A 63 -1.72 8.56 -3.44
N THR A 64 -2.70 9.47 -3.57
CA THR A 64 -2.60 10.59 -4.50
C THR A 64 -3.13 11.93 -3.89
N ILE A 65 -2.97 13.05 -4.62
CA ILE A 65 -3.48 14.33 -4.18
C ILE A 65 -5.03 14.36 -4.05
N TRP A 66 -5.71 13.32 -4.56
CA TRP A 66 -7.16 13.15 -4.39
C TRP A 66 -7.45 12.98 -2.89
N PHE A 67 -6.61 12.21 -2.19
CA PHE A 67 -6.70 11.98 -0.77
C PHE A 67 -6.17 13.18 0.03
N THR A 68 -5.05 13.77 -0.40
CA THR A 68 -4.46 14.94 0.27
C THR A 68 -5.47 16.09 0.38
N VAL A 69 -6.34 16.22 -0.61
CA VAL A 69 -7.31 17.29 -0.65
C VAL A 69 -8.66 16.90 -0.10
N TYR A 70 -9.25 15.78 -0.56
CA TYR A 70 -10.60 15.44 -0.13
C TYR A 70 -10.67 14.61 1.18
N LYS A 71 -9.54 14.15 1.71
CA LYS A 71 -9.42 13.43 2.98
C LYS A 71 -10.40 12.26 3.17
N GLY A 72 -10.83 11.64 2.08
CA GLY A 72 -11.76 10.52 2.17
C GLY A 72 -13.12 10.75 1.53
N ALA A 73 -13.50 12.02 1.32
CA ALA A 73 -14.78 12.37 0.68
C ALA A 73 -14.88 11.84 -0.75
N GLU A 74 -13.76 11.70 -1.43
CA GLU A 74 -13.73 11.16 -2.78
C GLU A 74 -13.98 9.63 -2.77
N VAL A 75 -13.56 8.94 -1.68
CA VAL A 75 -13.73 7.51 -1.49
C VAL A 75 -15.20 7.19 -1.32
N ALA A 76 -15.90 7.92 -0.43
CA ALA A 76 -17.32 7.69 -0.22
C ALA A 76 -18.11 8.04 -1.49
N HIS A 77 -17.85 9.19 -2.11
CA HIS A 77 -18.58 9.61 -3.30
C HIS A 77 -18.47 8.67 -4.48
N PHE A 78 -17.26 8.28 -4.87
CA PHE A 78 -17.08 7.43 -6.04
C PHE A 78 -17.33 5.94 -5.75
N MET A 79 -17.28 5.50 -4.48
CA MET A 79 -17.64 4.11 -4.15
C MET A 79 -19.15 3.99 -4.11
N ASN A 80 -19.84 5.06 -3.64
CA ASN A 80 -21.29 5.14 -3.62
C ASN A 80 -21.78 5.14 -5.09
N ALA A 81 -21.12 5.92 -5.97
CA ALA A 81 -21.51 5.98 -7.38
C ALA A 81 -21.29 4.66 -8.11
N LEU A 82 -20.31 3.86 -7.68
CA LEU A 82 -20.08 2.56 -8.30
C LEU A 82 -20.99 1.46 -7.70
N ARG A 83 -21.79 1.80 -6.67
CA ARG A 83 -22.70 0.95 -5.94
C ARG A 83 -22.01 -0.28 -5.32
N TYR A 84 -20.93 -0.06 -4.57
CA TYR A 84 -20.24 -1.15 -3.84
C TYR A 84 -21.21 -1.76 -2.85
N ASP A 85 -21.15 -3.07 -2.68
CA ASP A 85 -22.06 -3.76 -1.76
C ASP A 85 -21.50 -3.82 -0.35
N ALA A 86 -20.17 -3.86 -0.20
CA ALA A 86 -19.49 -3.93 1.08
C ALA A 86 -17.99 -3.59 0.92
N MET A 87 -17.36 -3.17 2.01
CA MET A 87 -15.94 -2.84 2.05
C MET A 87 -15.35 -3.18 3.43
N ALA A 88 -14.20 -3.85 3.44
CA ALA A 88 -13.51 -4.15 4.70
C ALA A 88 -12.53 -3.02 4.95
N LEU A 89 -12.41 -2.58 6.20
CA LEU A 89 -11.49 -1.52 6.57
C LEU A 89 -10.05 -1.97 6.43
N GLY A 90 -9.25 -1.17 5.74
CA GLY A 90 -7.83 -1.42 5.58
C GLY A 90 -7.01 -0.61 6.57
N ASN A 91 -5.69 -0.83 6.62
CA ASN A 91 -4.86 -0.09 7.57
C ASN A 91 -4.83 1.42 7.24
N HIS A 92 -4.78 1.75 5.96
CA HIS A 92 -4.78 3.13 5.46
C HIS A 92 -6.05 3.96 5.72
N GLU A 93 -7.19 3.33 6.07
CA GLU A 93 -8.40 4.12 6.40
C GLU A 93 -8.28 4.87 7.75
N PHE A 94 -7.21 4.61 8.52
CA PHE A 94 -6.92 5.28 9.79
C PHE A 94 -5.75 6.28 9.66
N ASP A 95 -5.26 6.55 8.44
CA ASP A 95 -4.12 7.44 8.24
C ASP A 95 -4.41 8.87 8.74
N ASN A 96 -5.68 9.31 8.71
CA ASN A 96 -6.03 10.62 9.26
C ASN A 96 -6.72 10.45 10.64
N GLY A 97 -6.36 9.41 11.40
CA GLY A 97 -6.96 9.13 12.70
C GLY A 97 -8.31 8.44 12.63
N VAL A 98 -9.03 8.35 13.76
CA VAL A 98 -10.39 7.76 13.79
C VAL A 98 -11.36 8.79 13.23
N GLU A 99 -11.23 10.06 13.63
CA GLU A 99 -12.10 11.13 13.13
C GLU A 99 -12.01 11.30 11.62
N GLY A 100 -10.83 11.06 11.06
CA GLY A 100 -10.61 11.12 9.61
C GLY A 100 -11.22 9.97 8.84
N LEU A 101 -11.76 8.96 9.53
CA LEU A 101 -12.44 7.81 8.95
C LEU A 101 -13.93 7.96 9.22
N ILE A 102 -14.29 8.32 10.46
CA ILE A 102 -15.65 8.48 10.89
C ILE A 102 -16.36 9.58 10.11
N GLU A 103 -15.85 10.84 10.19
CA GLU A 103 -16.50 11.99 9.56
C GLU A 103 -16.62 11.93 8.00
N PRO A 104 -15.55 11.70 7.18
CA PRO A 104 -15.75 11.65 5.72
C PRO A 104 -16.23 10.32 5.15
N LEU A 105 -15.76 9.17 5.65
CA LEU A 105 -16.12 7.89 5.04
C LEU A 105 -17.31 7.17 5.72
N LEU A 106 -17.15 6.63 6.93
CA LEU A 106 -18.21 5.87 7.58
C LEU A 106 -19.58 6.54 7.58
N LYS A 107 -19.62 7.84 7.90
CA LYS A 107 -20.90 8.56 7.93
C LYS A 107 -21.50 8.88 6.53
N GLU A 108 -20.72 8.75 5.43
CA GLU A 108 -21.20 9.05 4.08
C GLU A 108 -21.33 7.82 3.15
N ALA A 109 -20.76 6.67 3.54
CA ALA A 109 -20.85 5.46 2.74
C ALA A 109 -22.25 4.90 2.80
N LYS A 110 -22.78 4.47 1.68
CA LYS A 110 -24.12 3.86 1.63
C LYS A 110 -24.07 2.33 1.91
N PHE A 111 -22.96 1.71 1.57
CA PHE A 111 -22.69 0.29 1.74
C PHE A 111 -22.16 0.01 3.15
N PRO A 112 -22.30 -1.23 3.66
CA PRO A 112 -21.75 -1.53 4.99
C PRO A 112 -20.21 -1.57 4.98
N ILE A 113 -19.59 -1.09 6.07
CA ILE A 113 -18.13 -1.12 6.20
C ILE A 113 -17.80 -2.10 7.33
N LEU A 114 -16.96 -3.09 7.03
CA LEU A 114 -16.74 -4.21 7.92
C LEU A 114 -15.38 -4.42 8.49
N SER A 115 -15.38 -4.86 9.74
CA SER A 115 -14.20 -5.30 10.47
C SER A 115 -14.66 -5.92 11.75
N ALA A 116 -14.46 -7.23 11.89
CA ALA A 116 -14.85 -7.97 13.09
C ALA A 116 -13.76 -7.96 14.18
N ASN A 117 -12.52 -7.59 13.84
CA ASN A 117 -11.43 -7.62 14.81
C ASN A 117 -11.01 -6.27 15.35
N ILE A 118 -11.76 -5.20 15.09
CA ILE A 118 -11.43 -3.90 15.66
C ILE A 118 -12.44 -3.66 16.74
N LYS A 119 -11.97 -3.48 17.98
CA LYS A 119 -12.89 -3.18 19.07
C LYS A 119 -12.67 -1.78 19.58
N ALA A 120 -13.72 -1.07 19.97
CA ALA A 120 -13.59 0.31 20.41
C ALA A 120 -13.86 0.53 21.90
N LYS A 121 -12.85 0.91 22.68
CA LYS A 121 -13.04 1.18 24.10
C LYS A 121 -13.16 2.72 24.36
N GLY A 122 -13.31 3.12 25.61
CA GLY A 122 -13.40 4.51 26.00
C GLY A 122 -14.60 5.22 25.41
N PRO A 123 -14.57 6.57 25.36
CA PRO A 123 -15.72 7.31 24.79
C PRO A 123 -15.87 7.13 23.25
N LEU A 124 -14.87 6.53 22.56
CA LEU A 124 -14.99 6.25 21.13
C LEU A 124 -16.15 5.25 20.90
N ALA A 125 -16.32 4.28 21.82
CA ALA A 125 -17.33 3.22 21.74
C ALA A 125 -18.71 3.73 21.36
N SER A 126 -19.23 4.77 22.03
CA SER A 126 -20.56 5.31 21.77
C SER A 126 -20.61 6.06 20.44
N GLN A 127 -19.54 6.75 20.09
CA GLN A 127 -19.48 7.53 18.86
C GLN A 127 -19.44 6.65 17.59
N ILE A 128 -18.54 5.66 17.55
CA ILE A 128 -18.31 4.78 16.41
C ILE A 128 -19.23 3.55 16.37
N SER A 129 -20.00 3.29 17.45
CA SER A 129 -20.91 2.15 17.51
C SER A 129 -21.88 2.12 16.34
N GLY A 130 -21.81 1.07 15.55
CA GLY A 130 -22.70 0.91 14.43
C GLY A 130 -22.19 1.53 13.14
N LEU A 131 -21.19 2.42 13.22
CA LEU A 131 -20.64 3.04 12.01
C LEU A 131 -19.86 2.08 11.13
N TYR A 132 -19.43 0.96 11.71
CA TYR A 132 -18.82 -0.15 11.00
C TYR A 132 -19.30 -1.42 11.73
N LEU A 133 -19.37 -2.56 11.02
CA LEU A 133 -19.91 -3.79 11.64
C LEU A 133 -18.95 -4.96 11.54
N PRO A 134 -19.07 -6.01 12.40
CA PRO A 134 -18.20 -7.18 12.23
C PRO A 134 -18.55 -8.03 10.99
N TYR A 135 -19.83 -7.97 10.58
CA TYR A 135 -20.36 -8.70 9.43
C TYR A 135 -21.58 -7.97 8.87
N LYS A 136 -21.99 -8.36 7.66
CA LYS A 136 -23.25 -7.88 7.12
C LYS A 136 -23.93 -8.99 6.33
N VAL A 137 -25.22 -9.19 6.58
CA VAL A 137 -25.99 -10.18 5.83
C VAL A 137 -26.68 -9.45 4.68
N LEU A 138 -26.33 -9.86 3.48
CA LEU A 138 -26.79 -9.25 2.24
C LEU A 138 -27.76 -10.13 1.42
N PRO A 139 -28.89 -9.55 0.97
CA PRO A 139 -29.78 -10.29 0.07
C PRO A 139 -29.25 -10.27 -1.36
N VAL A 140 -29.08 -11.44 -1.98
CA VAL A 140 -28.60 -11.54 -3.37
C VAL A 140 -29.63 -12.39 -4.09
N GLY A 141 -30.53 -11.74 -4.82
CA GLY A 141 -31.60 -12.45 -5.50
C GLY A 141 -32.58 -12.95 -4.46
N ASP A 142 -32.84 -14.26 -4.45
CA ASP A 142 -33.70 -14.84 -3.42
C ASP A 142 -32.93 -15.58 -2.31
N GLU A 143 -31.60 -15.44 -2.33
CA GLU A 143 -30.73 -16.03 -1.36
C GLU A 143 -30.10 -14.91 -0.49
N VAL A 144 -29.25 -15.31 0.45
CA VAL A 144 -28.60 -14.41 1.36
C VAL A 144 -27.11 -14.80 1.46
N VAL A 145 -26.24 -13.81 1.49
CA VAL A 145 -24.79 -14.05 1.59
C VAL A 145 -24.30 -13.24 2.78
N GLY A 146 -23.53 -13.88 3.64
CA GLY A 146 -22.96 -13.23 4.79
C GLY A 146 -21.53 -12.80 4.51
N ILE A 147 -21.19 -11.59 4.89
CA ILE A 147 -19.83 -11.09 4.67
C ILE A 147 -19.24 -10.74 6.02
N VAL A 148 -18.11 -11.36 6.41
CA VAL A 148 -17.41 -11.06 7.66
C VAL A 148 -16.17 -10.27 7.29
N GLY A 149 -15.88 -9.23 8.05
CA GLY A 149 -14.71 -8.40 7.76
C GLY A 149 -13.52 -8.57 8.68
N TYR A 150 -12.34 -8.25 8.22
CA TYR A 150 -11.12 -8.27 9.02
C TYR A 150 -10.13 -7.18 8.52
N THR A 151 -9.24 -6.75 9.38
CA THR A 151 -8.34 -5.63 9.17
C THR A 151 -7.00 -5.97 9.84
N SER A 152 -5.89 -5.62 9.19
CA SER A 152 -4.54 -5.92 9.63
C SER A 152 -4.29 -5.72 11.11
N LYS A 153 -3.85 -6.79 11.79
CA LYS A 153 -3.44 -6.83 13.20
C LYS A 153 -2.32 -5.80 13.47
N GLU A 154 -1.53 -5.47 12.43
CA GLU A 154 -0.42 -4.56 12.46
C GLU A 154 -0.82 -3.10 12.18
N THR A 155 -2.11 -2.78 11.99
CA THR A 155 -2.59 -1.41 11.73
C THR A 155 -2.04 -0.33 12.73
N PRO A 156 -1.91 -0.57 14.07
CA PRO A 156 -1.32 0.50 14.94
C PRO A 156 0.18 0.74 14.72
N PHE A 157 0.83 -0.16 13.96
CA PHE A 157 2.25 -0.11 13.61
C PHE A 157 2.50 0.41 12.19
N LEU A 158 1.42 0.75 11.45
CA LEU A 158 1.46 1.26 10.09
C LEU A 158 0.56 2.48 9.88
N SER A 159 -0.24 2.90 10.88
CA SER A 159 -1.21 3.97 10.67
C SER A 159 -1.52 4.80 11.94
N ASN A 160 -2.62 5.57 11.96
CA ASN A 160 -2.98 6.37 13.11
C ASN A 160 -4.36 5.97 13.72
N PRO A 161 -4.58 4.69 14.10
CA PRO A 161 -5.89 4.31 14.65
C PRO A 161 -6.21 4.83 16.04
N GLY A 162 -5.24 5.50 16.68
CA GLY A 162 -5.43 6.00 18.03
C GLY A 162 -5.21 4.93 19.08
N THR A 163 -5.53 5.28 20.35
CA THR A 163 -5.39 4.37 21.48
C THR A 163 -6.76 3.84 22.00
N ASN A 164 -7.88 4.23 21.38
CA ASN A 164 -9.19 3.72 21.76
C ASN A 164 -9.70 2.71 20.74
N LEU A 165 -8.79 1.95 20.11
CA LEU A 165 -9.11 0.92 19.12
C LEU A 165 -8.12 -0.26 19.30
N VAL A 166 -8.64 -1.42 19.70
CA VAL A 166 -7.86 -2.64 19.92
C VAL A 166 -7.97 -3.49 18.65
N PHE A 167 -6.85 -3.99 18.14
CA PHE A 167 -6.85 -4.83 16.94
C PHE A 167 -6.61 -6.28 17.36
N GLU A 168 -7.68 -7.07 17.35
CA GLU A 168 -7.63 -8.47 17.74
C GLU A 168 -7.04 -9.35 16.67
N ASP A 169 -6.56 -10.56 17.02
CA ASP A 169 -6.06 -11.54 16.06
C ASP A 169 -7.22 -11.90 15.12
N GLU A 170 -7.00 -11.88 13.81
CA GLU A 170 -8.05 -12.12 12.82
C GLU A 170 -8.86 -13.40 13.07
N ILE A 171 -8.19 -14.55 13.15
CA ILE A 171 -8.83 -15.85 13.37
C ILE A 171 -9.63 -15.93 14.66
N THR A 172 -9.08 -15.39 15.74
CA THR A 172 -9.77 -15.37 17.02
C THR A 172 -11.06 -14.56 16.94
N ALA A 173 -11.02 -13.43 16.23
CA ALA A 173 -12.19 -12.57 16.10
C ALA A 173 -13.21 -13.08 15.10
N LEU A 174 -12.74 -13.69 14.01
CA LEU A 174 -13.63 -14.18 12.96
C LEU A 174 -14.46 -15.39 13.32
N GLN A 175 -13.83 -16.45 13.89
CA GLN A 175 -14.53 -17.69 14.22
C GLN A 175 -15.87 -17.49 14.93
N PRO A 176 -16.00 -16.68 16.00
CA PRO A 176 -17.32 -16.48 16.62
C PRO A 176 -18.35 -15.81 15.71
N GLU A 177 -17.93 -14.90 14.84
CA GLU A 177 -18.88 -14.22 13.93
C GLU A 177 -19.32 -15.16 12.81
N VAL A 178 -18.41 -16.02 12.32
CA VAL A 178 -18.76 -17.00 11.29
C VAL A 178 -19.76 -18.01 11.93
N ASP A 179 -19.46 -18.50 13.16
CA ASP A 179 -20.35 -19.42 13.88
C ASP A 179 -21.75 -18.82 14.09
N LYS A 180 -21.82 -17.53 14.46
CA LYS A 180 -23.08 -16.86 14.66
C LYS A 180 -23.89 -16.83 13.38
N LEU A 181 -23.22 -16.57 12.25
CA LEU A 181 -23.85 -16.57 10.93
C LEU A 181 -24.41 -17.95 10.59
N LYS A 182 -23.68 -19.02 10.90
CA LYS A 182 -24.13 -20.38 10.61
C LYS A 182 -25.32 -20.76 11.47
N THR A 183 -25.40 -20.28 12.73
CA THR A 183 -26.59 -20.52 13.54
C THR A 183 -27.79 -19.71 13.04
N LEU A 184 -27.55 -18.60 12.32
CA LEU A 184 -28.64 -17.83 11.72
C LEU A 184 -28.97 -18.35 10.31
N ASN A 185 -28.53 -19.59 9.99
CA ASN A 185 -28.69 -20.29 8.72
C ASN A 185 -28.21 -19.47 7.55
N VAL A 186 -27.04 -18.82 7.71
CA VAL A 186 -26.42 -18.11 6.62
C VAL A 186 -25.31 -19.06 6.17
N ASN A 187 -25.58 -19.83 5.11
CA ASN A 187 -24.65 -20.86 4.67
C ASN A 187 -23.63 -20.41 3.63
N LYS A 188 -23.77 -19.19 3.10
CA LYS A 188 -22.80 -18.69 2.12
C LYS A 188 -22.07 -17.54 2.73
N ILE A 189 -20.81 -17.77 3.13
CA ILE A 189 -20.02 -16.78 3.84
C ILE A 189 -18.73 -16.37 3.14
N ILE A 190 -18.62 -15.07 2.83
CA ILE A 190 -17.43 -14.45 2.26
C ILE A 190 -16.64 -13.78 3.40
N ALA A 191 -15.34 -13.99 3.46
CA ALA A 191 -14.49 -13.33 4.46
C ALA A 191 -13.77 -12.30 3.64
N LEU A 192 -14.10 -11.04 3.86
CA LEU A 192 -13.54 -9.92 3.06
C LEU A 192 -12.69 -9.10 4.03
N GLY A 193 -11.39 -9.01 3.77
CA GLY A 193 -10.49 -8.35 4.71
C GLY A 193 -9.15 -7.87 4.21
N HIS A 194 -8.46 -7.14 5.07
CA HIS A 194 -7.23 -6.48 4.70
C HIS A 194 -6.05 -6.89 5.58
N SER A 195 -5.46 -8.06 5.34
CA SER A 195 -4.34 -8.53 6.16
C SER A 195 -3.17 -9.15 5.37
N GLY A 196 -3.37 -9.44 4.10
CA GLY A 196 -2.33 -10.02 3.27
C GLY A 196 -2.58 -11.46 2.90
N PHE A 197 -2.10 -11.86 1.74
CA PHE A 197 -2.22 -13.18 1.15
C PHE A 197 -1.88 -14.29 2.14
N GLU A 198 -0.92 -14.04 3.02
CA GLU A 198 -0.55 -15.05 4.03
C GLU A 198 -1.64 -15.24 5.06
N MET A 199 -2.14 -14.14 5.66
CA MET A 199 -3.23 -14.25 6.62
C MET A 199 -4.51 -14.79 5.96
N ASP A 200 -4.76 -14.42 4.68
CA ASP A 200 -5.90 -14.90 3.91
C ASP A 200 -5.88 -16.42 3.77
N LYS A 201 -4.71 -16.99 3.45
CA LYS A 201 -4.57 -18.44 3.35
C LYS A 201 -4.86 -19.11 4.71
N LEU A 202 -4.40 -18.49 5.80
CA LEU A 202 -4.58 -18.93 7.17
C LEU A 202 -6.06 -18.89 7.55
N ILE A 203 -6.79 -17.84 7.13
CA ILE A 203 -8.22 -17.64 7.42
C ILE A 203 -9.06 -18.68 6.69
N ALA A 204 -8.68 -18.99 5.46
CA ALA A 204 -9.33 -20.01 4.66
C ALA A 204 -9.13 -21.38 5.33
N GLN A 205 -7.91 -21.65 5.82
CA GLN A 205 -7.54 -22.90 6.45
C GLN A 205 -8.18 -23.11 7.81
N LYS A 206 -8.00 -22.16 8.74
CA LYS A 206 -8.46 -22.26 10.12
C LYS A 206 -9.90 -21.84 10.42
N VAL A 207 -10.48 -20.87 9.70
CA VAL A 207 -11.84 -20.43 10.01
C VAL A 207 -12.93 -21.27 9.30
N ARG A 208 -13.48 -22.25 10.01
CA ARG A 208 -14.52 -23.16 9.54
C ARG A 208 -15.74 -22.38 9.26
N GLY A 209 -16.36 -22.64 8.13
CA GLY A 209 -17.59 -21.94 7.77
C GLY A 209 -17.42 -20.94 6.65
N VAL A 210 -16.17 -20.46 6.47
CA VAL A 210 -15.81 -19.50 5.43
C VAL A 210 -15.77 -20.21 4.08
N ASP A 211 -16.42 -19.66 3.07
CA ASP A 211 -16.49 -20.26 1.75
C ASP A 211 -15.48 -19.64 0.81
N VAL A 212 -15.31 -18.33 0.88
CA VAL A 212 -14.39 -17.61 0.02
C VAL A 212 -13.67 -16.60 0.86
N VAL A 213 -12.40 -16.33 0.52
CA VAL A 213 -11.64 -15.29 1.18
C VAL A 213 -11.26 -14.28 0.10
N VAL A 214 -11.76 -13.04 0.22
CA VAL A 214 -11.40 -11.96 -0.70
C VAL A 214 -10.46 -11.06 0.10
N GLY A 215 -9.23 -10.88 -0.39
CA GLY A 215 -8.22 -10.17 0.39
C GLY A 215 -7.56 -8.96 -0.20
N GLY A 216 -6.56 -8.42 0.52
CA GLY A 216 -5.80 -7.25 0.11
C GLY A 216 -4.54 -7.08 0.94
N HIS A 217 -3.99 -5.85 0.97
CA HIS A 217 -2.81 -5.46 1.80
C HIS A 217 -1.45 -5.87 1.25
N SER A 218 -1.30 -7.13 0.77
CA SER A 218 -0.06 -7.65 0.19
C SER A 218 0.11 -7.30 -1.33
N ASN A 219 -0.92 -6.65 -1.95
CA ASN A 219 -0.97 -6.27 -3.37
C ASN A 219 -0.73 -7.46 -4.28
N THR A 220 -1.21 -8.63 -3.87
CA THR A 220 -0.99 -9.89 -4.56
C THR A 220 -1.67 -9.97 -5.89
N PHE A 221 -0.91 -10.42 -6.88
CA PHE A 221 -1.46 -10.61 -8.20
C PHE A 221 -1.60 -12.09 -8.41
N LEU A 222 -2.81 -12.57 -8.63
CA LEU A 222 -3.07 -13.99 -8.85
C LEU A 222 -3.67 -14.12 -10.24
N TYR A 223 -3.19 -15.11 -11.01
CA TYR A 223 -3.70 -15.31 -12.37
C TYR A 223 -3.67 -16.78 -12.83
N THR A 224 -4.68 -17.18 -13.61
CA THR A 224 -4.72 -18.49 -14.24
C THR A 224 -4.53 -18.32 -15.77
N GLY A 225 -3.37 -18.69 -16.28
CA GLY A 225 -3.10 -18.57 -17.71
C GLY A 225 -2.01 -17.57 -18.03
N ASN A 226 -2.12 -16.88 -19.18
CA ASN A 226 -1.11 -15.89 -19.56
C ASN A 226 -1.48 -14.52 -19.00
N PRO A 227 -0.61 -13.96 -18.16
CA PRO A 227 -0.90 -12.61 -17.61
C PRO A 227 -1.01 -11.51 -18.67
N PRO A 228 -2.00 -10.61 -18.53
CA PRO A 228 -2.19 -9.55 -19.54
C PRO A 228 -1.23 -8.35 -19.47
N SER A 229 -0.40 -8.25 -18.42
CA SER A 229 0.47 -7.09 -18.25
C SER A 229 1.82 -7.49 -17.59
N LYS A 230 2.54 -6.53 -16.98
CA LYS A 230 3.83 -6.79 -16.38
C LYS A 230 3.80 -7.45 -15.02
N GLU A 231 2.63 -7.52 -14.37
CA GLU A 231 2.55 -8.14 -13.05
C GLU A 231 2.72 -9.65 -13.17
N VAL A 232 3.60 -10.18 -12.35
CA VAL A 232 3.89 -11.61 -12.31
C VAL A 232 3.00 -12.23 -11.25
N PRO A 233 2.25 -13.29 -11.62
CA PRO A 233 1.36 -13.92 -10.64
C PRO A 233 2.09 -14.65 -9.53
N ALA A 234 1.63 -14.47 -8.30
CA ALA A 234 2.19 -15.19 -7.16
C ALA A 234 1.51 -16.59 -6.97
N GLY A 235 0.61 -16.97 -7.88
CA GLY A 235 -0.15 -18.22 -7.86
C GLY A 235 -1.39 -18.15 -8.73
N LYS A 236 -2.11 -19.26 -8.89
CA LYS A 236 -3.33 -19.27 -9.71
C LYS A 236 -4.48 -18.43 -9.12
N TYR A 237 -5.48 -18.08 -9.94
CA TYR A 237 -6.65 -17.35 -9.49
C TYR A 237 -7.87 -18.21 -9.79
N PRO A 238 -8.61 -18.64 -8.76
CA PRO A 238 -8.34 -18.44 -7.33
C PRO A 238 -7.25 -19.36 -6.79
N PHE A 239 -6.61 -18.95 -5.68
CA PHE A 239 -5.63 -19.79 -5.02
C PHE A 239 -6.47 -20.73 -4.17
N ILE A 240 -6.24 -22.05 -4.23
CA ILE A 240 -7.03 -22.97 -3.43
C ILE A 240 -6.35 -23.43 -2.14
N VAL A 241 -6.97 -23.14 -0.99
CA VAL A 241 -6.49 -23.58 0.31
C VAL A 241 -7.39 -24.72 0.78
N THR A 242 -6.85 -25.91 1.07
CA THR A 242 -7.68 -27.00 1.62
C THR A 242 -7.79 -26.73 3.10
N SER A 243 -8.99 -26.43 3.60
CA SER A 243 -9.21 -26.16 5.00
C SER A 243 -8.92 -27.43 5.85
N ASP A 244 -8.88 -27.28 7.19
CA ASP A 244 -8.62 -28.43 8.05
C ASP A 244 -9.80 -29.42 8.00
N ASP A 245 -11.04 -28.93 7.80
CA ASP A 245 -12.20 -29.80 7.70
C ASP A 245 -12.43 -30.33 6.26
N GLY A 246 -11.36 -30.40 5.45
CA GLY A 246 -11.37 -30.98 4.11
C GLY A 246 -11.93 -30.16 2.98
N ARG A 247 -12.64 -29.06 3.28
CA ARG A 247 -13.23 -28.20 2.26
C ARG A 247 -12.17 -27.48 1.44
N LYS A 248 -12.43 -27.25 0.14
CA LYS A 248 -11.51 -26.49 -0.70
C LYS A 248 -11.99 -25.03 -0.67
N VAL A 249 -11.14 -24.13 -0.18
CA VAL A 249 -11.48 -22.71 -0.04
C VAL A 249 -10.73 -21.77 -1.01
N PRO A 250 -11.46 -21.19 -1.97
CA PRO A 250 -10.82 -20.23 -2.89
C PRO A 250 -10.45 -18.89 -2.24
N VAL A 251 -9.21 -18.46 -2.50
CA VAL A 251 -8.64 -17.23 -1.98
C VAL A 251 -8.31 -16.32 -3.14
N VAL A 252 -8.86 -15.11 -3.15
CA VAL A 252 -8.65 -14.18 -4.27
C VAL A 252 -8.08 -12.84 -3.81
N GLN A 253 -7.40 -12.17 -4.73
CA GLN A 253 -6.83 -10.85 -4.58
C GLN A 253 -6.78 -10.22 -6.00
N ALA A 254 -6.77 -8.87 -6.10
CA ALA A 254 -6.76 -8.24 -7.41
C ALA A 254 -5.66 -7.16 -7.59
N TYR A 255 -4.41 -7.56 -7.28
CA TYR A 255 -3.22 -6.71 -7.39
C TYR A 255 -3.40 -5.39 -6.56
N ALA A 256 -3.52 -4.17 -7.18
CA ALA A 256 -3.66 -2.88 -6.51
C ALA A 256 -3.88 -1.71 -7.55
N PHE A 257 -4.17 -0.49 -7.04
CA PHE A 257 -4.27 0.76 -7.76
C PHE A 257 -5.38 0.83 -8.80
N GLY A 258 -6.43 0.03 -8.63
CA GLY A 258 -7.56 -0.02 -9.57
C GLY A 258 -7.24 -0.53 -10.97
N LYS A 259 -6.05 -1.11 -11.15
CA LYS A 259 -5.60 -1.60 -12.44
C LYS A 259 -6.42 -2.81 -12.91
N TYR A 260 -6.85 -3.65 -12.00
CA TYR A 260 -7.60 -4.85 -12.31
C TYR A 260 -8.89 -4.88 -11.51
N LEU A 261 -9.97 -5.45 -12.10
CA LEU A 261 -11.21 -5.70 -11.38
C LEU A 261 -11.20 -7.21 -11.15
N GLY A 262 -11.04 -7.66 -9.91
CA GLY A 262 -11.10 -9.07 -9.55
C GLY A 262 -12.44 -9.66 -9.89
N TYR A 263 -12.46 -10.79 -10.59
CA TYR A 263 -13.69 -11.39 -11.07
C TYR A 263 -13.73 -12.87 -10.70
N LEU A 264 -14.61 -13.29 -9.80
CA LEU A 264 -14.72 -14.70 -9.43
C LEU A 264 -16.18 -15.16 -9.50
N LYS A 265 -16.45 -16.13 -10.35
CA LYS A 265 -17.78 -16.72 -10.49
C LYS A 265 -17.80 -17.97 -9.59
N ILE A 266 -18.77 -18.06 -8.66
CA ILE A 266 -18.85 -19.21 -7.73
C ILE A 266 -20.15 -19.99 -7.89
N GLU A 267 -20.04 -21.31 -8.05
CA GLU A 267 -21.19 -22.20 -8.13
C GLU A 267 -21.43 -22.88 -6.76
N PHE A 268 -22.55 -22.54 -6.11
CA PHE A 268 -22.89 -23.10 -4.82
C PHE A 268 -23.97 -24.15 -4.93
N ASP A 269 -23.98 -25.13 -4.00
CA ASP A 269 -25.14 -26.03 -3.90
C ASP A 269 -26.20 -25.35 -2.98
N GLU A 270 -27.29 -26.05 -2.63
CA GLU A 270 -28.39 -25.50 -1.83
C GLU A 270 -28.03 -25.39 -0.31
N ARG A 271 -27.03 -26.15 0.13
CA ARG A 271 -26.53 -26.10 1.51
C ARG A 271 -25.35 -25.09 1.69
N GLY A 272 -25.10 -24.25 0.69
CA GLY A 272 -24.05 -23.23 0.70
C GLY A 272 -22.63 -23.72 0.50
N ASN A 273 -22.46 -24.98 0.04
CA ASN A 273 -21.09 -25.47 -0.22
C ASN A 273 -20.66 -25.01 -1.59
N VAL A 274 -19.36 -24.85 -1.75
CA VAL A 274 -18.80 -24.44 -3.02
C VAL A 274 -18.52 -25.69 -3.87
N ILE A 275 -19.30 -25.82 -4.95
CA ILE A 275 -19.12 -26.89 -5.92
C ILE A 275 -17.85 -26.63 -6.71
N SER A 276 -17.69 -25.38 -7.16
CA SER A 276 -16.59 -24.94 -7.99
C SER A 276 -16.57 -23.40 -8.03
N SER A 277 -15.44 -22.86 -8.45
CA SER A 277 -15.24 -21.44 -8.66
C SER A 277 -14.20 -21.26 -9.75
N HIS A 278 -14.33 -20.17 -10.49
CA HIS A 278 -13.36 -19.85 -11.55
C HIS A 278 -13.44 -18.35 -11.86
N GLY A 279 -12.38 -17.83 -12.42
CA GLY A 279 -12.31 -16.45 -12.82
C GLY A 279 -10.90 -16.01 -13.06
N ASN A 280 -10.74 -14.70 -13.15
CA ASN A 280 -9.45 -14.04 -13.34
C ASN A 280 -9.65 -12.54 -13.15
N PRO A 281 -8.61 -11.83 -12.71
CA PRO A 281 -8.72 -10.37 -12.64
C PRO A 281 -8.84 -9.81 -14.06
N ILE A 282 -9.75 -8.87 -14.26
CA ILE A 282 -9.94 -8.27 -15.58
C ILE A 282 -9.04 -7.04 -15.63
N LEU A 283 -8.09 -6.98 -16.57
CA LEU A 283 -7.20 -5.84 -16.72
C LEU A 283 -8.02 -4.68 -17.23
N LEU A 284 -8.21 -3.63 -16.43
CA LEU A 284 -8.99 -2.48 -16.85
C LEU A 284 -8.14 -1.62 -17.78
N ASP A 285 -8.01 -2.02 -19.05
CA ASP A 285 -7.21 -1.28 -20.02
C ASP A 285 -8.08 -0.34 -20.86
N SER A 286 -7.45 0.45 -21.74
CA SER A 286 -8.06 1.44 -22.61
C SER A 286 -9.13 0.89 -23.55
N SER A 287 -9.17 -0.45 -23.79
CA SER A 287 -10.21 -1.04 -24.62
C SER A 287 -11.60 -0.80 -24.00
N ILE A 288 -11.70 -0.92 -22.67
CA ILE A 288 -12.91 -0.62 -21.91
C ILE A 288 -12.96 0.90 -21.83
N PRO A 289 -14.03 1.54 -22.32
CA PRO A 289 -14.10 3.01 -22.24
C PRO A 289 -14.47 3.53 -20.85
N GLU A 290 -14.11 4.78 -20.54
CA GLU A 290 -14.48 5.39 -19.27
C GLU A 290 -15.93 5.80 -19.33
N ASP A 291 -16.71 5.54 -18.27
CA ASP A 291 -18.10 5.97 -18.24
C ASP A 291 -18.20 7.51 -18.32
N PRO A 292 -18.82 8.02 -19.38
CA PRO A 292 -18.87 9.49 -19.56
C PRO A 292 -19.39 10.28 -18.35
N SER A 293 -20.43 9.79 -17.67
CA SER A 293 -20.99 10.48 -16.51
C SER A 293 -19.98 10.51 -15.36
N ILE A 294 -19.31 9.37 -15.09
CA ILE A 294 -18.31 9.30 -14.01
C ILE A 294 -17.12 10.17 -14.37
N LYS A 295 -16.68 10.14 -15.64
CA LYS A 295 -15.56 10.95 -16.09
C LYS A 295 -15.85 12.43 -15.88
N ALA A 296 -17.02 12.92 -16.34
CA ALA A 296 -17.44 14.31 -16.14
C ALA A 296 -17.59 14.68 -14.64
N ASP A 297 -17.86 13.70 -13.78
CA ASP A 297 -17.96 13.92 -12.33
C ASP A 297 -16.54 14.02 -11.75
N ILE A 298 -15.62 13.13 -12.16
CA ILE A 298 -14.22 13.12 -11.76
C ILE A 298 -13.58 14.46 -12.16
N ASN A 299 -13.88 14.93 -13.38
CA ASN A 299 -13.40 16.19 -13.94
C ASN A 299 -13.87 17.41 -13.17
N LYS A 300 -15.09 17.39 -12.64
CA LYS A 300 -15.62 18.50 -11.85
C LYS A 300 -14.84 18.58 -10.52
N TRP A 301 -14.60 17.41 -9.89
CA TRP A 301 -13.82 17.29 -8.66
C TRP A 301 -12.35 17.66 -8.89
N ARG A 302 -11.82 17.30 -10.07
CA ARG A 302 -10.46 17.50 -10.55
C ARG A 302 -10.06 18.99 -10.66
N ILE A 303 -11.04 19.91 -10.70
CA ILE A 303 -10.78 21.35 -10.78
C ILE A 303 -9.95 21.87 -9.59
N LYS A 304 -10.26 21.38 -8.38
CA LYS A 304 -9.59 21.74 -7.13
C LYS A 304 -8.14 21.23 -7.13
N LEU A 305 -7.93 20.01 -7.66
CA LEU A 305 -6.62 19.37 -7.71
C LEU A 305 -5.67 19.98 -8.75
N ASP A 306 -6.21 20.69 -9.75
CA ASP A 306 -5.40 21.22 -10.84
C ASP A 306 -4.44 22.34 -10.43
N ASP A 307 -4.49 22.86 -9.18
CA ASP A 307 -3.51 23.89 -8.78
C ASP A 307 -2.18 23.29 -8.27
N TYR A 308 -2.12 21.96 -8.07
CA TYR A 308 -0.88 21.29 -7.67
C TYR A 308 -0.07 20.95 -8.93
N SER A 309 -0.75 20.44 -9.97
CA SER A 309 -0.15 20.13 -11.27
C SER A 309 0.26 21.42 -12.02
N THR A 310 -0.46 22.53 -11.77
CA THR A 310 -0.18 23.86 -12.34
C THR A 310 1.27 24.27 -12.05
N GLN A 311 1.83 23.87 -10.89
CA GLN A 311 3.21 24.22 -10.59
C GLN A 311 4.20 23.08 -10.86
N GLU A 312 5.07 23.33 -11.84
CA GLU A 312 6.16 22.47 -12.26
C GLU A 312 7.35 22.75 -11.35
N LEU A 313 7.82 21.73 -10.65
CA LEU A 313 8.94 21.85 -9.73
C LEU A 313 10.27 21.81 -10.51
N GLY A 314 10.41 20.83 -11.39
CA GLY A 314 11.61 20.67 -12.19
C GLY A 314 11.43 19.68 -13.33
N LYS A 315 12.53 19.16 -13.87
CA LYS A 315 12.49 18.22 -14.99
C LYS A 315 13.39 17.02 -14.75
N THR A 316 13.02 15.86 -15.32
CA THR A 316 13.85 14.66 -15.22
C THR A 316 14.13 14.07 -16.61
N ILE A 317 15.42 13.85 -16.91
CA ILE A 317 15.81 13.21 -18.16
C ILE A 317 15.70 11.66 -18.07
N VAL A 318 15.41 11.11 -16.86
CA VAL A 318 15.32 9.68 -16.63
C VAL A 318 13.97 9.28 -16.05
N TYR A 319 13.65 7.98 -16.15
CA TYR A 319 12.49 7.39 -15.53
C TYR A 319 12.85 7.33 -14.05
N LEU A 320 11.95 7.77 -13.16
CA LEU A 320 12.23 7.74 -11.72
C LEU A 320 11.56 6.49 -11.19
N ASP A 321 12.32 5.41 -11.20
CA ASP A 321 11.80 4.12 -10.77
C ASP A 321 11.50 4.09 -9.31
N GLY A 322 10.26 4.37 -8.98
CA GLY A 322 9.76 4.30 -7.61
C GLY A 322 8.83 3.11 -7.40
N SER A 323 8.99 2.05 -8.21
CA SER A 323 8.15 0.86 -8.13
C SER A 323 8.53 -0.01 -6.95
N SER A 324 7.63 -0.89 -6.52
CA SER A 324 7.91 -1.79 -5.41
C SER A 324 8.75 -2.97 -5.83
N GLN A 325 8.67 -3.40 -7.13
CA GLN A 325 9.47 -4.55 -7.57
C GLN A 325 10.94 -4.20 -7.75
N SER A 326 11.30 -2.90 -7.73
CA SER A 326 12.67 -2.41 -7.74
C SER A 326 13.04 -1.89 -6.34
N CYS A 327 12.28 -0.92 -5.78
CA CYS A 327 12.65 -0.31 -4.50
C CYS A 327 12.60 -1.23 -3.30
N ARG A 328 11.97 -2.41 -3.39
CA ARG A 328 11.99 -3.33 -2.24
C ARG A 328 12.90 -4.56 -2.49
N PHE A 329 13.59 -4.63 -3.65
CA PHE A 329 14.41 -5.78 -4.03
C PHE A 329 15.84 -5.44 -4.37
N ARG A 330 16.08 -4.22 -4.82
CA ARG A 330 17.42 -3.79 -5.22
C ARG A 330 17.48 -2.27 -5.23
N GLU A 331 18.64 -1.71 -5.56
CA GLU A 331 18.81 -0.27 -5.69
C GLU A 331 17.89 0.30 -6.79
N CYS A 332 17.09 1.31 -6.44
CA CYS A 332 16.23 1.98 -7.41
C CYS A 332 16.64 3.46 -7.44
N ASN A 333 16.65 4.08 -8.63
CA ASN A 333 17.09 5.47 -8.71
C ASN A 333 16.15 6.46 -8.00
N MET A 334 14.92 6.05 -7.61
CA MET A 334 14.03 6.95 -6.84
C MET A 334 14.52 7.06 -5.39
N GLY A 335 15.02 5.96 -4.83
CA GLY A 335 15.57 5.98 -3.48
C GLY A 335 16.82 6.85 -3.42
N ASN A 336 17.62 6.80 -4.51
CA ASN A 336 18.81 7.59 -4.68
C ASN A 336 18.46 9.07 -4.77
N LEU A 337 17.43 9.43 -5.55
CA LEU A 337 16.98 10.82 -5.64
C LEU A 337 16.55 11.32 -4.26
N ILE A 338 15.67 10.54 -3.56
CA ILE A 338 15.20 10.92 -2.22
C ILE A 338 16.37 11.09 -1.26
N CYS A 339 17.36 10.18 -1.25
CA CYS A 339 18.51 10.34 -0.35
C CYS A 339 19.37 11.54 -0.69
N ASP A 340 19.59 11.84 -1.99
CA ASP A 340 20.37 13.04 -2.36
C ASP A 340 19.64 14.34 -2.00
N ALA A 341 18.31 14.32 -2.01
CA ALA A 341 17.51 15.48 -1.61
C ALA A 341 17.64 15.63 -0.08
N MET A 342 17.54 14.50 0.67
CA MET A 342 17.71 14.51 2.13
C MET A 342 19.07 15.11 2.52
N ILE A 343 20.17 14.56 1.97
CA ILE A 343 21.50 15.04 2.32
C ILE A 343 21.74 16.49 1.91
N ASN A 344 21.37 16.86 0.68
CA ASN A 344 21.57 18.20 0.15
C ASN A 344 20.82 19.31 0.88
N ASN A 345 19.53 19.10 1.19
CA ASN A 345 18.74 20.11 1.91
C ASN A 345 19.33 20.34 3.29
N ASN A 346 19.68 19.26 4.01
CA ASN A 346 20.32 19.36 5.33
C ASN A 346 21.64 20.16 5.27
N LEU A 347 22.52 19.83 4.31
CA LEU A 347 23.81 20.49 4.20
C LEU A 347 23.71 21.97 3.91
N ARG A 348 22.64 22.44 3.26
CA ARG A 348 22.47 23.86 3.01
C ARG A 348 22.07 24.64 4.27
N HIS A 349 21.70 23.95 5.38
CA HIS A 349 21.39 24.60 6.64
C HIS A 349 22.65 25.15 7.32
N THR A 350 23.08 26.36 6.95
CA THR A 350 24.25 26.97 7.59
C THR A 350 23.89 27.66 8.93
N ASP A 351 22.71 27.33 9.50
CA ASP A 351 22.27 27.85 10.79
C ASP A 351 22.69 26.89 11.91
N GLU A 352 22.66 25.56 11.63
CA GLU A 352 23.04 24.55 12.63
C GLU A 352 24.59 24.51 12.84
N MET A 353 25.26 23.35 12.62
CA MET A 353 26.70 23.11 12.82
C MET A 353 26.97 21.67 13.28
N PHE A 354 26.00 21.01 13.93
CA PHE A 354 26.19 19.65 14.42
C PHE A 354 25.96 18.66 13.28
N TRP A 355 24.92 18.91 12.49
CA TRP A 355 24.59 18.04 11.37
C TRP A 355 24.99 18.66 10.00
N ASN A 356 25.85 19.68 10.01
CA ASN A 356 26.24 20.38 8.80
C ASN A 356 27.23 19.63 7.91
N HIS A 357 27.57 18.37 8.25
CA HIS A 357 28.48 17.56 7.43
C HIS A 357 27.92 16.16 7.09
N VAL A 358 26.66 15.89 7.48
CA VAL A 358 25.96 14.64 7.30
C VAL A 358 25.91 14.28 5.83
N SER A 359 26.46 13.12 5.51
CA SER A 359 26.55 12.62 4.13
C SER A 359 26.09 11.18 3.96
N MET A 360 25.42 10.62 4.97
CA MET A 360 24.91 9.25 4.94
C MET A 360 23.39 9.28 5.08
N CYS A 361 22.70 8.34 4.42
CA CYS A 361 21.25 8.30 4.39
C CYS A 361 20.75 6.86 4.29
N ILE A 362 19.61 6.54 4.94
CA ILE A 362 18.87 5.27 4.85
C ILE A 362 17.36 5.61 4.70
N LEU A 363 16.67 4.84 3.87
CA LEU A 363 15.30 5.15 3.50
C LEU A 363 14.59 3.87 3.27
N ASN A 364 13.49 3.64 3.97
CA ASN A 364 12.71 2.42 3.81
C ASN A 364 12.06 2.45 2.44
N GLY A 365 12.39 1.48 1.57
CA GLY A 365 11.86 1.38 0.21
C GLY A 365 10.33 1.33 0.13
N GLY A 366 9.69 0.82 1.17
CA GLY A 366 8.23 0.82 1.27
C GLY A 366 7.66 2.22 1.47
N GLY A 367 8.50 3.19 1.82
CA GLY A 367 8.10 4.59 1.95
C GLY A 367 7.99 5.28 0.60
N ILE A 368 8.54 4.66 -0.48
CA ILE A 368 8.53 5.12 -1.86
C ILE A 368 7.29 4.45 -2.43
N ARG A 369 6.26 5.24 -2.70
CA ARG A 369 4.95 4.66 -3.07
C ARG A 369 4.57 4.71 -4.55
N SER A 370 5.39 5.36 -5.40
CA SER A 370 5.05 5.47 -6.80
C SER A 370 6.23 5.88 -7.61
N PRO A 371 6.31 5.36 -8.85
CA PRO A 371 7.32 5.86 -9.78
C PRO A 371 6.84 7.20 -10.42
N ILE A 372 7.72 7.85 -11.21
CA ILE A 372 7.38 9.07 -11.93
C ILE A 372 7.84 8.90 -13.38
N ASP A 373 6.95 9.05 -14.36
CA ASP A 373 7.33 8.93 -15.77
C ASP A 373 7.99 10.19 -16.30
N GLU A 374 8.74 10.08 -17.39
CA GLU A 374 9.49 11.20 -17.94
C GLU A 374 9.01 11.70 -19.30
N ARG A 375 7.95 11.08 -19.86
CA ARG A 375 7.51 11.44 -21.20
C ARG A 375 6.69 12.75 -21.30
N ASN A 376 6.46 13.45 -20.17
CA ASN A 376 5.79 14.77 -20.22
C ASN A 376 6.81 15.88 -20.59
N ASP A 377 7.90 15.53 -21.32
CA ASP A 377 9.04 16.39 -21.60
C ASP A 377 9.87 16.62 -20.31
N GLY A 378 9.89 15.62 -19.44
CA GLY A 378 10.61 15.63 -18.17
C GLY A 378 9.86 16.24 -17.01
N THR A 379 8.85 17.06 -17.30
CA THR A 379 8.06 17.80 -16.32
C THR A 379 7.65 17.02 -15.08
N ILE A 380 8.14 17.48 -13.91
CA ILE A 380 7.79 16.93 -12.60
C ILE A 380 6.94 17.96 -11.86
N THR A 381 5.74 17.57 -11.47
CA THR A 381 4.84 18.46 -10.75
C THR A 381 4.69 18.01 -9.28
N TRP A 382 4.10 18.88 -8.43
CA TRP A 382 3.85 18.55 -7.02
C TRP A 382 2.97 17.30 -6.92
N GLU A 383 1.99 17.15 -7.83
CA GLU A 383 1.10 16.00 -7.91
C GLU A 383 1.90 14.71 -8.05
N ASN A 384 3.01 14.71 -8.81
CA ASN A 384 3.85 13.52 -8.98
C ASN A 384 4.55 13.18 -7.71
N LEU A 385 5.11 14.20 -7.04
CA LEU A 385 5.83 13.99 -5.81
C LEU A 385 4.91 13.51 -4.72
N ALA A 386 3.69 14.10 -4.65
CA ALA A 386 2.63 13.74 -3.72
C ALA A 386 2.28 12.25 -3.72
N ALA A 387 2.45 11.58 -4.86
CA ALA A 387 2.18 10.14 -4.97
C ALA A 387 3.39 9.29 -4.56
N VAL A 388 4.61 9.82 -4.69
CA VAL A 388 5.81 9.11 -4.26
C VAL A 388 5.88 9.15 -2.75
N LEU A 389 5.62 10.34 -2.16
CA LEU A 389 5.67 10.53 -0.71
C LEU A 389 4.35 11.02 -0.10
N PRO A 390 3.40 10.11 0.16
CA PRO A 390 2.11 10.52 0.72
C PRO A 390 1.99 10.55 2.26
N PHE A 391 2.96 10.00 3.00
CA PHE A 391 2.87 9.97 4.48
C PHE A 391 3.11 11.31 5.18
N GLY A 392 3.66 12.29 4.46
CA GLY A 392 3.90 13.61 4.99
C GLY A 392 4.82 13.69 6.20
N GLY A 393 5.77 12.76 6.30
CA GLY A 393 6.72 12.73 7.39
C GLY A 393 7.82 13.77 7.27
N THR A 394 8.86 13.64 8.10
CA THR A 394 9.99 14.55 8.05
C THR A 394 11.29 13.77 7.88
N PHE A 395 12.39 14.45 7.55
CA PHE A 395 13.68 13.80 7.39
C PHE A 395 14.53 14.06 8.62
N ASP A 396 14.47 13.16 9.59
CA ASP A 396 15.17 13.28 10.85
C ASP A 396 16.67 12.95 10.82
N LEU A 397 17.42 13.52 11.75
CA LEU A 397 18.87 13.28 11.84
C LEU A 397 19.15 12.45 13.08
N VAL A 398 19.93 11.39 12.95
CA VAL A 398 20.20 10.48 14.04
C VAL A 398 21.71 10.17 14.20
N GLN A 399 22.17 9.93 15.46
CA GLN A 399 23.55 9.55 15.75
C GLN A 399 23.52 8.07 16.10
N LEU A 400 24.19 7.22 15.33
CA LEU A 400 24.16 5.76 15.51
C LEU A 400 25.53 5.16 15.68
N LYS A 401 25.62 4.03 16.39
CA LYS A 401 26.89 3.30 16.46
C LYS A 401 26.96 2.51 15.12
N GLY A 402 28.16 2.08 14.72
CA GLY A 402 28.34 1.27 13.52
C GLY A 402 27.61 -0.06 13.64
N SER A 403 27.63 -0.65 14.81
CA SER A 403 26.92 -1.89 15.10
C SER A 403 25.41 -1.70 14.96
N THR A 404 24.89 -0.51 15.28
CA THR A 404 23.46 -0.24 15.13
C THR A 404 23.11 -0.25 13.64
N LEU A 405 23.91 0.44 12.80
CA LEU A 405 23.67 0.49 11.35
C LEU A 405 23.83 -0.86 10.70
N LYS A 406 24.82 -1.65 11.12
CA LYS A 406 25.06 -3.01 10.63
C LYS A 406 23.83 -3.87 10.92
N LYS A 407 23.23 -3.74 12.11
CA LYS A 407 22.00 -4.45 12.47
C LYS A 407 20.83 -4.00 11.59
N ALA A 408 20.74 -2.69 11.27
CA ALA A 408 19.69 -2.19 10.38
C ALA A 408 19.86 -2.74 8.99
N PHE A 409 21.10 -2.99 8.54
CA PHE A 409 21.35 -3.56 7.22
C PHE A 409 20.99 -5.03 7.19
N GLU A 410 21.21 -5.75 8.30
CA GLU A 410 20.80 -7.15 8.41
C GLU A 410 19.28 -7.24 8.41
N HIS A 411 18.64 -6.35 9.17
CA HIS A 411 17.20 -6.26 9.23
C HIS A 411 16.58 -5.95 7.86
N SER A 412 17.29 -5.15 7.05
CA SER A 412 16.87 -4.72 5.72
C SER A 412 16.61 -5.89 4.72
N VAL A 413 17.28 -7.04 4.94
CA VAL A 413 17.17 -8.21 4.08
C VAL A 413 16.92 -9.51 4.86
N HIS A 414 16.53 -9.43 6.14
CA HIS A 414 16.32 -10.61 6.98
C HIS A 414 15.25 -11.54 6.39
N ARG A 415 14.17 -10.97 5.81
CA ARG A 415 13.13 -11.76 5.12
C ARG A 415 12.98 -11.24 3.71
N TYR A 416 14.09 -11.21 3.01
CA TYR A 416 14.16 -10.74 1.64
C TYR A 416 13.29 -11.64 0.74
N GLY A 417 12.74 -11.06 -0.33
CA GLY A 417 11.99 -11.79 -1.32
C GLY A 417 10.50 -11.78 -1.18
N GLN A 418 9.98 -11.05 -0.17
CA GLN A 418 8.55 -10.98 0.04
C GLN A 418 7.92 -9.62 -0.23
N SER A 419 8.57 -8.75 -1.03
CA SER A 419 8.07 -7.38 -1.33
C SER A 419 7.92 -6.57 -0.02
N THR A 420 8.84 -6.80 0.88
CA THR A 420 8.89 -6.22 2.21
C THR A 420 9.52 -4.82 2.16
N GLY A 421 8.77 -3.87 2.73
CA GLY A 421 9.12 -2.44 2.75
C GLY A 421 10.33 -2.04 3.57
N GLU A 422 10.90 -3.00 4.33
CA GLU A 422 12.05 -2.69 5.16
C GLU A 422 13.39 -2.68 4.41
N PHE A 423 13.41 -3.05 3.10
CA PHE A 423 14.62 -3.05 2.28
C PHE A 423 15.00 -1.58 2.10
N LEU A 424 16.26 -1.22 2.44
CA LEU A 424 16.71 0.17 2.47
C LEU A 424 17.36 0.71 1.24
N GLN A 425 16.97 1.94 0.89
CA GLN A 425 17.62 2.70 -0.16
C GLN A 425 18.65 3.59 0.56
N VAL A 426 19.88 3.63 0.03
CA VAL A 426 20.97 4.29 0.72
C VAL A 426 21.58 5.47 -0.06
N GLY A 427 22.33 6.31 0.66
CA GLY A 427 23.07 7.45 0.15
C GLY A 427 24.33 7.56 0.99
N GLY A 428 25.49 7.74 0.36
CA GLY A 428 26.74 7.80 1.09
C GLY A 428 27.07 6.50 1.80
N ILE A 429 26.57 5.38 1.30
CA ILE A 429 26.79 4.03 1.82
C ILE A 429 26.88 3.09 0.60
N HIS A 430 27.77 2.07 0.68
CA HIS A 430 27.94 1.03 -0.34
C HIS A 430 27.83 -0.30 0.35
N VAL A 431 26.68 -0.94 0.25
CA VAL A 431 26.44 -2.23 0.88
C VAL A 431 26.39 -3.39 -0.13
N VAL A 432 27.01 -4.52 0.22
CA VAL A 432 26.97 -5.73 -0.56
C VAL A 432 26.33 -6.83 0.32
N TYR A 433 25.34 -7.53 -0.23
CA TYR A 433 24.59 -8.59 0.42
C TYR A 433 24.88 -9.93 -0.24
N ASP A 434 24.89 -10.99 0.54
CA ASP A 434 24.97 -12.37 0.06
C ASP A 434 23.75 -13.06 0.64
N LEU A 435 22.66 -13.16 -0.13
CA LEU A 435 21.41 -13.77 0.33
C LEU A 435 21.52 -15.29 0.56
N SER A 436 22.59 -15.93 0.06
CA SER A 436 22.77 -17.36 0.28
C SER A 436 23.35 -17.65 1.67
N ARG A 437 23.13 -16.75 2.64
CA ARG A 437 23.63 -16.84 4.01
C ARG A 437 22.46 -16.71 4.98
N LYS A 438 22.64 -17.17 6.23
CA LYS A 438 21.61 -17.12 7.28
C LYS A 438 21.08 -15.72 7.49
N PRO A 439 19.76 -15.55 7.68
CA PRO A 439 19.22 -14.21 7.99
C PRO A 439 19.87 -13.65 9.25
N GLY A 440 20.46 -12.47 9.11
CA GLY A 440 21.21 -11.84 10.18
C GLY A 440 22.71 -11.84 9.91
N ASP A 441 23.18 -12.59 8.90
CA ASP A 441 24.61 -12.63 8.57
C ASP A 441 24.81 -12.51 7.03
N ARG A 442 23.96 -11.72 6.38
CA ARG A 442 23.98 -11.54 4.94
C ARG A 442 24.78 -10.32 4.44
N VAL A 443 25.13 -9.35 5.31
CA VAL A 443 25.92 -8.19 4.88
C VAL A 443 27.35 -8.67 4.75
N VAL A 444 27.91 -8.65 3.54
CA VAL A 444 29.27 -9.13 3.31
C VAL A 444 30.29 -7.98 3.13
N LYS A 445 29.80 -6.79 2.75
CA LYS A 445 30.57 -5.57 2.62
C LYS A 445 29.67 -4.38 2.99
N LEU A 446 30.22 -3.43 3.71
CA LEU A 446 29.52 -2.23 4.12
C LEU A 446 30.57 -1.16 4.29
N ASP A 447 30.53 -0.20 3.41
CA ASP A 447 31.47 0.91 3.39
C ASP A 447 30.65 2.15 3.42
N VAL A 448 31.11 3.16 4.14
CA VAL A 448 30.38 4.42 4.23
C VAL A 448 31.31 5.56 3.90
N LEU A 449 30.74 6.65 3.44
CA LEU A 449 31.48 7.86 3.11
C LEU A 449 31.91 8.48 4.45
N CYS A 450 33.16 8.30 4.85
CA CYS A 450 33.65 8.76 6.14
C CYS A 450 33.54 10.28 6.34
N THR A 451 33.52 10.69 7.64
CA THR A 451 33.42 12.09 8.07
C THR A 451 34.63 12.51 8.93
N LYS A 452 35.24 11.55 9.66
CA LYS A 452 36.46 11.84 10.43
C LYS A 452 37.68 11.77 9.48
N CYS A 453 37.54 12.36 8.29
CA CYS A 453 38.52 12.38 7.18
C CYS A 453 38.33 13.66 6.40
N ARG A 454 39.44 14.23 5.93
CA ARG A 454 39.46 15.48 5.20
C ARG A 454 38.93 15.32 3.80
N VAL A 455 39.30 14.21 3.13
CA VAL A 455 38.88 13.88 1.74
C VAL A 455 38.10 12.59 1.76
N PRO A 456 36.76 12.70 1.82
CA PRO A 456 35.93 11.50 1.92
C PRO A 456 36.14 10.47 0.82
N SER A 457 35.72 9.28 1.13
CA SER A 457 35.79 8.08 0.34
C SER A 457 35.09 7.01 1.13
N TYR A 458 34.61 5.99 0.43
CA TYR A 458 33.90 4.91 1.06
C TYR A 458 34.92 4.03 1.74
N ASP A 459 34.86 3.97 3.08
CA ASP A 459 35.77 3.19 3.88
C ASP A 459 34.96 2.17 4.72
N PRO A 460 35.55 1.02 5.08
CA PRO A 460 34.82 0.04 5.86
C PRO A 460 34.19 0.55 7.14
N LEU A 461 32.96 0.13 7.37
CA LEU A 461 32.23 0.51 8.56
C LEU A 461 32.90 -0.12 9.77
N LYS A 462 33.14 0.68 10.80
CA LYS A 462 33.72 0.16 12.03
C LYS A 462 32.57 -0.01 13.00
N MET A 463 32.51 -1.17 13.68
CA MET A 463 31.41 -1.54 14.57
C MET A 463 31.23 -0.63 15.77
N ASP A 464 32.29 -0.01 16.21
CA ASP A 464 32.28 0.83 17.39
C ASP A 464 32.48 2.33 17.09
N GLU A 465 32.50 2.73 15.81
CA GLU A 465 32.59 4.13 15.43
C GLU A 465 31.18 4.78 15.43
N VAL A 466 31.09 6.11 15.60
CA VAL A 466 29.80 6.80 15.61
C VAL A 466 29.55 7.47 14.23
N TYR A 467 28.33 7.33 13.71
CA TYR A 467 27.93 7.87 12.42
C TYR A 467 26.68 8.77 12.52
N LYS A 468 26.68 9.90 11.78
CA LYS A 468 25.54 10.83 11.73
C LYS A 468 24.78 10.53 10.43
N VAL A 469 23.55 9.97 10.55
CA VAL A 469 22.71 9.52 9.45
C VAL A 469 21.37 10.27 9.33
N ILE A 470 20.98 10.67 8.10
CA ILE A 470 19.66 11.27 7.89
C ILE A 470 18.70 10.20 7.37
N LEU A 471 17.50 10.09 7.95
CA LEU A 471 16.50 9.10 7.55
C LEU A 471 15.05 9.58 7.82
N PRO A 472 14.00 8.99 7.20
CA PRO A 472 12.63 9.42 7.56
C PRO A 472 12.36 9.19 9.05
N ASN A 473 11.57 10.08 9.69
CA ASN A 473 11.20 9.98 11.11
C ASN A 473 10.60 8.60 11.45
N PHE A 474 9.92 7.97 10.47
CA PHE A 474 9.32 6.65 10.56
C PHE A 474 10.38 5.63 11.00
N LEU A 475 11.57 5.65 10.35
CA LEU A 475 12.66 4.76 10.69
C LEU A 475 13.31 5.19 12.00
N ALA A 476 13.49 6.49 12.18
CA ALA A 476 14.07 7.03 13.41
C ALA A 476 13.31 6.59 14.66
N ASN A 477 11.98 6.32 14.56
CA ASN A 477 11.14 5.88 15.70
C ASN A 477 10.87 4.37 15.75
N GLY A 478 11.61 3.57 15.00
CA GLY A 478 11.47 2.13 15.04
C GLY A 478 10.45 1.49 14.13
N GLY A 479 9.94 2.23 13.16
CA GLY A 479 8.98 1.70 12.19
C GLY A 479 9.60 0.64 11.30
N ASP A 480 8.79 -0.32 10.81
CA ASP A 480 9.23 -1.44 9.98
C ASP A 480 10.09 -2.47 10.73
N GLY A 481 10.00 -2.50 12.06
CA GLY A 481 10.83 -3.40 12.86
C GLY A 481 12.26 -2.92 13.03
N PHE A 482 12.51 -1.62 12.76
CA PHE A 482 13.83 -1.04 12.94
C PHE A 482 13.92 -0.53 14.37
N GLN A 483 13.59 -1.40 15.32
CA GLN A 483 13.61 -1.09 16.73
C GLN A 483 15.01 -0.84 17.25
N MET A 484 16.04 -1.41 16.61
CA MET A 484 17.42 -1.19 17.04
C MET A 484 17.83 0.26 16.88
N ILE A 485 17.28 1.00 15.92
CA ILE A 485 17.59 2.41 15.72
C ILE A 485 16.96 3.23 16.86
N LYS A 486 15.71 2.93 17.20
CA LYS A 486 15.01 3.62 18.28
C LYS A 486 15.60 3.30 19.64
N ASP A 487 16.08 2.07 19.84
CA ASP A 487 16.66 1.67 21.13
C ASP A 487 18.10 2.07 21.29
N GLU A 488 18.87 2.10 20.19
CA GLU A 488 20.31 2.33 20.29
C GLU A 488 20.84 3.68 19.81
N LEU A 489 20.02 4.57 19.20
CA LEU A 489 20.52 5.89 18.79
C LEU A 489 21.04 6.71 19.99
N LEU A 490 21.95 7.64 19.72
CA LEU A 490 22.58 8.51 20.71
C LEU A 490 22.02 9.94 20.68
N ARG A 491 21.38 10.34 19.60
CA ARG A 491 20.79 11.67 19.42
C ARG A 491 19.81 11.57 18.26
N HIS A 492 18.66 12.25 18.37
CA HIS A 492 17.64 12.21 17.33
C HIS A 492 17.00 13.58 17.24
N ASP A 493 17.15 14.25 16.08
CA ASP A 493 16.57 15.58 15.87
C ASP A 493 15.58 15.57 14.72
N SER A 494 14.53 16.39 14.82
CA SER A 494 13.50 16.49 13.79
C SER A 494 14.01 17.33 12.61
N GLY A 495 13.56 16.99 11.40
CA GLY A 495 13.96 17.71 10.21
C GLY A 495 12.83 18.32 9.39
N ASP A 496 13.14 18.75 8.16
CA ASP A 496 12.15 19.37 7.30
C ASP A 496 11.19 18.32 6.72
N GLN A 497 9.99 18.78 6.31
CA GLN A 497 8.94 17.97 5.73
C GLN A 497 9.47 17.25 4.49
N ASP A 498 9.31 15.92 4.43
CA ASP A 498 9.83 15.09 3.36
C ASP A 498 9.50 15.55 1.94
N ILE A 499 8.26 16.00 1.69
CA ILE A 499 7.87 16.43 0.35
C ILE A 499 8.45 17.80 0.02
N ASN A 500 8.54 18.70 1.01
CA ASN A 500 9.16 20.01 0.78
C ASN A 500 10.68 19.89 0.54
N VAL A 501 11.32 18.83 1.08
CA VAL A 501 12.75 18.60 0.93
C VAL A 501 13.04 18.21 -0.51
N VAL A 502 12.32 17.17 -0.99
CA VAL A 502 12.50 16.69 -2.34
C VAL A 502 12.05 17.75 -3.35
N SER A 503 10.96 18.45 -3.06
CA SER A 503 10.48 19.51 -3.94
C SER A 503 11.47 20.65 -4.09
N THR A 504 12.08 21.10 -2.97
CA THR A 504 13.06 22.19 -2.99
C THR A 504 14.31 21.77 -3.75
N TYR A 505 14.77 20.53 -3.51
CA TYR A 505 15.94 19.97 -4.16
C TYR A 505 15.79 19.95 -5.68
N ILE A 506 14.73 19.34 -6.20
CA ILE A 506 14.46 19.26 -7.62
C ILE A 506 14.39 20.64 -8.27
N SER A 507 13.69 21.62 -7.65
CA SER A 507 13.64 22.99 -8.18
C SER A 507 15.03 23.64 -8.23
N LYS A 508 15.90 23.26 -7.31
CA LYS A 508 17.24 23.82 -7.27
C LYS A 508 18.12 23.16 -8.31
N MET A 509 17.99 21.85 -8.53
CA MET A 509 18.79 21.17 -9.55
C MET A 509 18.32 21.52 -10.96
N LYS A 510 17.00 21.76 -11.10
CA LYS A 510 16.23 22.07 -12.31
C LYS A 510 16.11 20.84 -13.22
N VAL A 511 17.20 20.08 -13.38
CA VAL A 511 17.21 18.84 -14.15
C VAL A 511 17.93 17.76 -13.36
N ILE A 512 17.19 16.73 -12.96
CA ILE A 512 17.72 15.61 -12.19
C ILE A 512 17.92 14.37 -13.09
N TYR A 513 18.87 13.51 -12.72
CA TYR A 513 19.16 12.30 -13.48
C TYR A 513 19.58 11.15 -12.56
N PRO A 514 18.83 10.82 -11.50
CA PRO A 514 19.29 9.73 -10.60
C PRO A 514 19.48 8.43 -11.37
N ALA A 515 20.46 7.63 -10.97
CA ALA A 515 20.76 6.41 -11.67
C ALA A 515 21.19 5.28 -10.73
N VAL A 516 21.20 4.02 -11.18
CA VAL A 516 21.68 2.91 -10.39
C VAL A 516 23.19 2.94 -10.53
N GLU A 517 23.90 3.08 -9.41
CA GLU A 517 25.35 3.30 -9.41
C GLU A 517 26.21 2.25 -8.75
N GLY A 518 25.59 1.33 -8.03
CA GLY A 518 26.35 0.34 -7.27
C GLY A 518 26.33 0.62 -5.78
N ARG A 519 25.33 1.36 -5.28
CA ARG A 519 25.19 1.62 -3.84
C ARG A 519 24.83 0.35 -3.10
N ILE A 520 24.03 -0.52 -3.71
CA ILE A 520 23.58 -1.80 -3.15
C ILE A 520 23.92 -2.87 -4.18
N LYS A 521 24.71 -3.86 -3.78
CA LYS A 521 25.07 -4.97 -4.67
C LYS A 521 24.76 -6.33 -4.04
N PHE A 522 24.68 -7.39 -4.87
CA PHE A 522 24.47 -8.75 -4.41
C PHE A 522 25.67 -9.63 -4.79
N SER A 523 26.08 -10.52 -3.90
CA SER A 523 27.27 -11.37 -4.09
C SER A 523 26.88 -12.82 -4.37
#